data_8KAA
#
_entry.id   8KAA
#
_cell.length_a   63.316
_cell.length_b   133.972
_cell.length_c   30.763
_cell.angle_alpha   90.000
_cell.angle_beta   90.000
_cell.angle_gamma   90.000
#
_symmetry.space_group_name_H-M   'P 21 21 2'
#
loop_
_entity.id
_entity.type
_entity.pdbx_description
1 polymer 'ester cyclase'
2 water water
#
_entity_poly.entity_id   1
_entity_poly.type   'polypeptide(L)'
_entity_poly.pdbx_seq_one_letter_code
;MGSSHHHHHHSSGLVPRGSHMLTAADNKKRCLEMVDAWNRGELGGVTAHWSPDVVHHSEERIVPNEEMVLRMESGLTAFP
DVRLDVRSVLAEDDRVSMRISVTATHKGPFMDIAPTNRTVTWHTAEEFRFVDGKVVEHWDVINYMPMLREL
;
_entity_poly.pdbx_strand_id   A,B
#
# COMPACT_ATOMS: atom_id res chain seq x y z
N LEU A 22 -6.60 -14.05 19.07
CA LEU A 22 -6.01 -13.49 20.28
C LEU A 22 -5.60 -12.02 20.11
N THR A 23 -4.47 -11.65 20.68
CA THR A 23 -4.16 -10.22 20.71
C THR A 23 -3.54 -9.77 19.39
N ALA A 24 -3.47 -8.45 19.24
CA ALA A 24 -2.79 -7.89 18.08
C ALA A 24 -1.34 -8.37 17.99
N ALA A 25 -0.64 -8.44 19.10
CA ALA A 25 0.74 -8.90 19.07
C ALA A 25 0.83 -10.34 18.60
N ASP A 26 -0.13 -11.18 18.99
CA ASP A 26 -0.14 -12.55 18.51
C ASP A 26 -0.41 -12.62 17.02
N ASN A 27 -1.32 -11.77 16.53
CA ASN A 27 -1.60 -11.77 15.09
C ASN A 27 -0.38 -11.29 14.31
N LYS A 28 0.30 -10.27 14.83
CA LYS A 28 1.51 -9.76 14.19
C LYS A 28 2.54 -10.88 14.07
N LYS A 29 2.72 -11.65 15.14
CA LYS A 29 3.67 -12.76 15.11
C LYS A 29 3.29 -13.78 14.04
N ARG A 30 2.00 -14.05 13.89
CA ARG A 30 1.55 -15.01 12.88
C ARG A 30 1.90 -14.53 11.48
N CYS A 31 1.71 -13.25 11.22
CA CYS A 31 2.01 -12.71 9.90
C CYS A 31 3.50 -12.77 9.62
N LEU A 32 4.32 -12.39 10.60
CA LEU A 32 5.76 -12.47 10.40
C LEU A 32 6.21 -13.91 10.21
N GLU A 33 5.58 -14.86 10.92
CA GLU A 33 5.96 -16.26 10.78
C GLU A 33 5.69 -16.76 9.37
N MET A 34 4.57 -16.35 8.80
CA MET A 34 4.25 -16.82 7.46
C MET A 34 5.19 -16.26 6.42
N VAL A 35 5.58 -14.99 6.55
CA VAL A 35 6.55 -14.42 5.64
C VAL A 35 7.90 -15.10 5.79
N ASP A 36 8.33 -15.31 7.04
CA ASP A 36 9.61 -15.95 7.27
C ASP A 36 9.60 -17.37 6.70
N ALA A 37 8.47 -18.06 6.82
CA ALA A 37 8.35 -19.41 6.29
C ALA A 37 8.42 -19.40 4.77
N TRP A 38 7.83 -18.38 4.13
CA TRP A 38 7.96 -18.24 2.69
C TRP A 38 9.42 -18.14 2.28
N ASN A 39 10.17 -17.25 2.93
CA ASN A 39 11.55 -17.01 2.54
C ASN A 39 12.41 -18.22 2.81
N ARG A 40 12.13 -18.95 3.89
CA ARG A 40 12.92 -20.10 4.30
C ARG A 40 12.45 -21.40 3.67
N GLY A 41 11.38 -21.38 2.87
CA GLY A 41 10.90 -22.57 2.20
C GLY A 41 10.25 -23.59 3.10
N GLU A 42 9.52 -23.14 4.11
CA GLU A 42 8.83 -24.04 5.05
C GLU A 42 7.32 -23.94 4.77
N LEU A 43 6.79 -24.88 3.95
CA LEU A 43 5.40 -24.73 3.51
C LEU A 43 4.42 -24.75 4.69
N GLY A 44 4.64 -25.63 5.66
CA GLY A 44 3.77 -25.67 6.82
C GLY A 44 3.51 -24.29 7.39
N GLY A 45 4.58 -23.50 7.54
CA GLY A 45 4.42 -22.19 8.12
C GLY A 45 3.78 -21.19 7.18
N VAL A 46 3.90 -21.40 5.87
CA VAL A 46 3.39 -20.42 4.91
C VAL A 46 1.87 -20.33 4.97
N THR A 47 1.21 -21.47 5.10
CA THR A 47 -0.25 -21.53 5.05
C THR A 47 -0.88 -21.65 6.42
N ALA A 48 -0.08 -21.80 7.49
CA ALA A 48 -0.57 -22.21 8.80
C ALA A 48 -1.66 -21.31 9.36
N HIS A 49 -1.60 -20.01 9.08
CA HIS A 49 -2.51 -19.08 9.74
C HIS A 49 -3.56 -18.52 8.82
N TRP A 50 -3.76 -19.10 7.64
CA TRP A 50 -4.84 -18.66 6.74
C TRP A 50 -6.08 -19.50 6.97
N SER A 51 -7.23 -18.85 6.95
CA SER A 51 -8.49 -19.58 6.99
C SER A 51 -8.74 -20.21 5.64
N PRO A 52 -9.45 -21.34 5.61
CA PRO A 52 -9.83 -21.93 4.31
C PRO A 52 -10.81 -21.07 3.52
N ASP A 53 -11.50 -20.14 4.17
CA ASP A 53 -12.61 -19.39 3.55
C ASP A 53 -12.29 -17.92 3.32
N VAL A 54 -11.03 -17.59 3.07
CA VAL A 54 -10.63 -16.19 3.05
C VAL A 54 -11.30 -15.45 1.89
N VAL A 55 -11.58 -14.16 2.11
CA VAL A 55 -12.02 -13.22 1.07
C VAL A 55 -10.87 -12.25 0.80
N HIS A 56 -10.47 -12.15 -0.46
CA HIS A 56 -9.40 -11.28 -0.90
C HIS A 56 -9.95 -10.05 -1.60
N HIS A 57 -9.26 -8.93 -1.42
CA HIS A 57 -9.60 -7.69 -2.08
C HIS A 57 -8.35 -7.09 -2.70
N SER A 58 -8.50 -6.54 -3.90
CA SER A 58 -7.43 -5.85 -4.59
C SER A 58 -8.10 -4.79 -5.46
N GLU A 59 -7.59 -3.54 -5.41
CA GLU A 59 -8.14 -2.46 -6.23
C GLU A 59 -9.63 -2.22 -5.93
N GLU A 60 -10.01 -2.38 -4.68
CA GLU A 60 -11.37 -2.16 -4.22
C GLU A 60 -12.39 -3.06 -4.91
N ARG A 61 -11.97 -4.26 -5.28
CA ARG A 61 -12.90 -5.31 -5.63
C ARG A 61 -12.54 -6.58 -4.89
N ILE A 62 -13.55 -7.40 -4.62
CA ILE A 62 -13.28 -8.75 -4.16
C ILE A 62 -12.73 -9.58 -5.32
N VAL A 63 -11.61 -10.24 -5.09
CA VAL A 63 -10.98 -11.10 -6.11
C VAL A 63 -11.34 -12.55 -5.77
N PRO A 64 -12.12 -13.24 -6.59
CA PRO A 64 -12.45 -14.65 -6.30
C PRO A 64 -11.18 -15.46 -6.07
N ASN A 65 -11.29 -16.46 -5.18
CA ASN A 65 -10.09 -17.22 -4.82
C ASN A 65 -9.48 -17.92 -6.03
N GLU A 66 -10.31 -18.33 -6.99
CA GLU A 66 -9.77 -18.97 -8.20
C GLU A 66 -8.94 -17.99 -9.02
N GLU A 67 -9.35 -16.73 -9.06
CA GLU A 67 -8.59 -15.71 -9.78
C GLU A 67 -7.29 -15.38 -9.05
N MET A 68 -7.34 -15.34 -7.72
CA MET A 68 -6.13 -15.18 -6.93
C MET A 68 -5.13 -16.29 -7.23
N VAL A 69 -5.61 -17.54 -7.31
CA VAL A 69 -4.71 -18.66 -7.60
C VAL A 69 -4.04 -18.46 -8.95
N LEU A 70 -4.81 -18.08 -9.97
CA LEU A 70 -4.22 -17.86 -11.29
C LEU A 70 -3.20 -16.74 -11.27
N ARG A 71 -3.47 -15.68 -10.50
CA ARG A 71 -2.48 -14.61 -10.33
C ARG A 71 -1.17 -15.15 -9.77
N MET A 72 -1.28 -15.94 -8.70
CA MET A 72 -0.11 -16.48 -8.05
C MET A 72 0.66 -17.41 -8.99
N GLU A 73 -0.07 -18.23 -9.74
CA GLU A 73 0.54 -19.16 -10.67
C GLU A 73 1.34 -18.43 -11.74
N SER A 74 0.73 -17.42 -12.37
N SER A 74 0.73 -17.41 -12.37
CA SER A 74 1.45 -16.66 -13.39
CA SER A 74 1.46 -16.68 -13.41
C SER A 74 2.66 -15.96 -12.80
C SER A 74 2.63 -15.90 -12.83
N GLY A 75 2.48 -15.38 -11.61
CA GLY A 75 3.59 -14.68 -10.99
C GLY A 75 4.73 -15.62 -10.61
N LEU A 76 4.40 -16.80 -10.07
CA LEU A 76 5.44 -17.75 -9.69
C LEU A 76 6.12 -18.39 -10.89
N THR A 77 5.42 -18.52 -12.01
CA THR A 77 6.09 -18.98 -13.24
C THR A 77 7.16 -17.98 -13.66
N ALA A 78 6.83 -16.70 -13.62
CA ALA A 78 7.78 -15.67 -14.04
C ALA A 78 8.87 -15.46 -13.00
N PHE A 79 8.51 -15.50 -11.71
CA PHE A 79 9.36 -15.08 -10.60
C PHE A 79 9.39 -16.16 -9.53
N PRO A 80 9.97 -17.33 -9.84
CA PRO A 80 9.83 -18.47 -8.92
C PRO A 80 10.57 -18.30 -7.61
N ASP A 81 11.61 -17.47 -7.59
CA ASP A 81 12.44 -17.26 -6.40
C ASP A 81 12.03 -16.02 -5.63
N VAL A 82 10.79 -15.55 -5.80
CA VAL A 82 10.36 -14.35 -5.10
C VAL A 82 10.60 -14.46 -3.60
N ARG A 83 11.04 -13.34 -3.04
CA ARG A 83 11.30 -13.18 -1.62
C ARG A 83 10.60 -11.93 -1.11
N LEU A 84 10.29 -11.94 0.19
CA LEU A 84 9.47 -10.92 0.82
C LEU A 84 10.27 -10.27 1.95
N ASP A 85 10.60 -9.00 1.78
CA ASP A 85 11.36 -8.23 2.78
C ASP A 85 10.38 -7.33 3.53
N VAL A 86 10.03 -7.71 4.76
CA VAL A 86 9.05 -6.93 5.52
C VAL A 86 9.70 -5.64 6.01
N ARG A 87 9.15 -4.52 5.60
CA ARG A 87 9.67 -3.22 5.98
C ARG A 87 9.00 -2.66 7.22
N SER A 88 7.74 -3.00 7.45
CA SER A 88 7.06 -2.60 8.67
C SER A 88 5.83 -3.47 8.84
N VAL A 89 5.42 -3.57 10.09
CA VAL A 89 4.20 -4.30 10.44
C VAL A 89 3.54 -3.56 11.60
N LEU A 90 2.23 -3.40 11.51
CA LEU A 90 1.43 -2.71 12.52
C LEU A 90 0.23 -3.59 12.80
N ALA A 91 -0.18 -3.66 14.06
CA ALA A 91 -1.34 -4.46 14.41
C ALA A 91 -2.22 -3.72 15.39
N GLU A 92 -3.54 -3.81 15.19
CA GLU A 92 -4.51 -3.20 16.09
C GLU A 92 -5.79 -4.01 16.00
N ASP A 93 -6.35 -4.34 17.16
CA ASP A 93 -7.58 -5.12 17.26
C ASP A 93 -7.44 -6.40 16.44
N ASP A 94 -8.30 -6.61 15.45
CA ASP A 94 -8.27 -7.83 14.63
C ASP A 94 -7.51 -7.68 13.33
N ARG A 95 -6.78 -6.57 13.13
CA ARG A 95 -6.12 -6.34 11.86
C ARG A 95 -4.60 -6.17 12.00
N VAL A 96 -3.90 -6.54 10.92
CA VAL A 96 -2.45 -6.38 10.80
C VAL A 96 -2.21 -5.77 9.44
N SER A 97 -1.35 -4.74 9.38
CA SER A 97 -0.92 -4.19 8.10
C SER A 97 0.59 -4.37 7.96
N MET A 98 1.04 -4.69 6.75
N MET A 98 1.05 -4.53 6.73
CA MET A 98 2.45 -4.88 6.48
CA MET A 98 2.45 -4.87 6.53
C MET A 98 2.80 -4.08 5.23
C MET A 98 2.92 -4.33 5.19
N ARG A 99 4.04 -3.60 5.20
CA ARG A 99 4.63 -3.05 3.99
C ARG A 99 5.79 -3.96 3.64
N ILE A 100 5.80 -4.44 2.40
CA ILE A 100 6.76 -5.45 1.96
C ILE A 100 7.47 -5.00 0.70
N SER A 101 8.80 -5.13 0.68
N SER A 101 8.80 -5.13 0.68
CA SER A 101 9.59 -4.99 -0.53
CA SER A 101 9.58 -5.01 -0.53
C SER A 101 9.72 -6.39 -1.13
C SER A 101 9.73 -6.40 -1.13
N VAL A 102 9.26 -6.57 -2.36
CA VAL A 102 9.23 -7.87 -3.01
C VAL A 102 10.33 -7.92 -4.06
N THR A 103 11.15 -8.95 -4.04
CA THR A 103 12.25 -9.08 -4.98
C THR A 103 12.26 -10.47 -5.58
N ALA A 104 12.73 -10.55 -6.82
CA ALA A 104 12.75 -11.84 -7.50
C ALA A 104 13.71 -11.74 -8.67
N THR A 105 13.96 -12.88 -9.30
CA THR A 105 14.63 -12.91 -10.59
C THR A 105 13.61 -13.29 -11.64
N HIS A 106 13.70 -12.62 -12.80
CA HIS A 106 12.82 -12.92 -13.92
C HIS A 106 13.36 -14.15 -14.63
N LYS A 107 12.84 -15.31 -14.23
CA LYS A 107 13.36 -16.60 -14.65
C LYS A 107 12.43 -17.36 -15.58
N GLY A 108 11.15 -17.00 -15.62
CA GLY A 108 10.23 -17.59 -16.54
C GLY A 108 9.51 -16.51 -17.32
N PRO A 109 8.74 -16.91 -18.33
CA PRO A 109 8.00 -15.90 -19.13
C PRO A 109 7.01 -15.14 -18.26
N PHE A 110 6.88 -13.85 -18.55
CA PHE A 110 5.87 -13.02 -17.94
C PHE A 110 5.17 -12.27 -19.05
N MET A 111 3.85 -12.45 -19.17
CA MET A 111 3.10 -11.87 -20.27
C MET A 111 3.74 -12.21 -21.61
N ASP A 112 4.25 -13.44 -21.72
CA ASP A 112 4.90 -13.95 -22.92
C ASP A 112 6.23 -13.27 -23.23
N ILE A 113 6.74 -12.45 -22.33
CA ILE A 113 8.08 -11.88 -22.47
C ILE A 113 9.07 -12.87 -21.87
N ALA A 114 10.06 -13.25 -22.65
CA ALA A 114 11.04 -14.24 -22.23
C ALA A 114 11.83 -13.73 -21.03
N PRO A 115 12.27 -14.64 -20.17
CA PRO A 115 12.97 -14.20 -18.94
C PRO A 115 14.26 -13.46 -19.28
N THR A 116 14.51 -12.39 -18.53
CA THR A 116 15.78 -11.70 -18.64
C THR A 116 16.84 -12.25 -17.71
N ASN A 117 16.43 -13.05 -16.72
CA ASN A 117 17.34 -13.53 -15.69
C ASN A 117 17.90 -12.41 -14.83
N ARG A 118 17.25 -11.26 -14.84
CA ARG A 118 17.66 -10.13 -14.03
C ARG A 118 16.73 -10.00 -12.82
N THR A 119 17.26 -9.37 -11.78
CA THR A 119 16.47 -9.13 -10.58
C THR A 119 15.48 -8.00 -10.81
N VAL A 120 14.29 -8.16 -10.21
CA VAL A 120 13.21 -7.18 -10.29
C VAL A 120 12.73 -6.89 -8.88
N THR A 121 12.04 -5.76 -8.74
CA THR A 121 11.47 -5.38 -7.46
C THR A 121 10.06 -4.84 -7.65
N TRP A 122 9.23 -5.04 -6.63
CA TRP A 122 7.96 -4.34 -6.55
C TRP A 122 7.61 -4.17 -5.08
N HIS A 123 6.52 -3.43 -4.81
CA HIS A 123 6.22 -3.01 -3.45
C HIS A 123 4.77 -3.29 -3.15
N THR A 124 4.52 -3.80 -1.96
N THR A 124 4.49 -3.86 -1.98
CA THR A 124 3.17 -4.11 -1.57
CA THR A 124 3.12 -4.22 -1.60
C THR A 124 2.88 -3.57 -0.19
C THR A 124 2.83 -3.79 -0.18
N ALA A 125 1.60 -3.33 0.04
CA ALA A 125 1.05 -3.13 1.36
C ALA A 125 -0.07 -4.15 1.50
N GLU A 126 -0.05 -4.90 2.59
CA GLU A 126 -0.98 -5.99 2.80
C GLU A 126 -1.73 -5.68 4.09
N GLU A 127 -3.01 -6.02 4.14
CA GLU A 127 -3.78 -5.95 5.36
C GLU A 127 -4.50 -7.27 5.56
N PHE A 128 -4.52 -7.74 6.80
CA PHE A 128 -5.11 -9.02 7.16
C PHE A 128 -6.10 -8.81 8.29
N ARG A 129 -7.26 -9.45 8.20
CA ARG A 129 -8.22 -9.47 9.28
C ARG A 129 -8.28 -10.89 9.83
N PHE A 130 -8.16 -11.02 11.16
CA PHE A 130 -8.12 -12.29 11.85
C PHE A 130 -9.40 -12.61 12.60
N VAL A 131 -9.74 -13.90 12.63
CA VAL A 131 -10.71 -14.45 13.56
C VAL A 131 -10.10 -15.71 14.13
N ASP A 132 -10.02 -15.80 15.46
CA ASP A 132 -9.54 -17.02 16.12
C ASP A 132 -8.17 -17.45 15.59
N GLY A 133 -7.29 -16.47 15.37
CA GLY A 133 -5.94 -16.76 14.96
C GLY A 133 -5.73 -17.08 13.49
N LYS A 134 -6.76 -16.96 12.65
CA LYS A 134 -6.70 -17.27 11.23
C LYS A 134 -7.09 -16.05 10.42
N VAL A 135 -6.39 -15.84 9.30
CA VAL A 135 -6.72 -14.75 8.38
C VAL A 135 -7.98 -15.13 7.61
N VAL A 136 -9.04 -14.33 7.75
CA VAL A 136 -10.30 -14.57 7.06
C VAL A 136 -10.54 -13.56 5.96
N GLU A 137 -9.77 -12.47 5.92
CA GLU A 137 -9.97 -11.43 4.94
C GLU A 137 -8.64 -10.71 4.70
N HIS A 138 -8.38 -10.32 3.46
CA HIS A 138 -7.08 -9.82 3.08
C HIS A 138 -7.28 -8.76 2.02
N TRP A 139 -6.51 -7.69 2.11
CA TRP A 139 -6.51 -6.59 1.15
C TRP A 139 -5.08 -6.31 0.74
N ASP A 140 -4.88 -5.97 -0.53
CA ASP A 140 -3.55 -5.54 -0.93
C ASP A 140 -3.61 -4.23 -1.69
N VAL A 141 -2.48 -3.53 -1.67
CA VAL A 141 -2.19 -2.41 -2.57
C VAL A 141 -0.81 -2.72 -3.13
N ILE A 142 -0.72 -2.93 -4.42
CA ILE A 142 0.54 -3.37 -5.03
C ILE A 142 1.00 -2.37 -6.07
N ASN A 143 2.26 -1.93 -5.96
CA ASN A 143 2.89 -1.10 -6.97
C ASN A 143 3.85 -1.99 -7.76
N TYR A 144 3.40 -2.42 -8.93
CA TYR A 144 4.21 -3.25 -9.82
C TYR A 144 5.07 -2.46 -10.78
N MET A 145 4.92 -1.13 -10.80
CA MET A 145 5.60 -0.34 -11.82
C MET A 145 7.12 -0.52 -11.85
N PRO A 146 7.84 -0.67 -10.72
CA PRO A 146 9.30 -0.83 -10.85
C PRO A 146 9.68 -2.10 -11.59
N MET A 147 8.83 -3.12 -11.50
CA MET A 147 9.06 -4.35 -12.25
C MET A 147 8.68 -4.19 -13.72
N LEU A 148 7.54 -3.56 -14.01
CA LEU A 148 7.08 -3.43 -15.40
C LEU A 148 8.06 -2.62 -16.23
N ARG A 149 8.77 -1.67 -15.61
CA ARG A 149 9.79 -0.91 -16.31
C ARG A 149 10.97 -1.77 -16.75
N GLU A 150 11.19 -2.92 -16.12
CA GLU A 150 12.31 -3.81 -16.44
C GLU A 150 11.96 -4.88 -17.45
N LEU A 151 10.69 -5.01 -17.84
CA LEU A 151 10.30 -6.00 -18.84
C LEU A 151 10.79 -5.59 -20.23
N SER B 19 4.34 11.14 25.08
CA SER B 19 3.37 10.11 24.66
C SER B 19 2.85 9.26 25.84
N HIS B 20 1.74 8.57 25.60
CA HIS B 20 1.10 7.71 26.58
C HIS B 20 0.31 6.66 25.82
N MET B 21 -0.37 5.80 26.56
CA MET B 21 -1.03 4.65 25.95
C MET B 21 -2.16 5.02 25.00
N LEU B 22 -2.72 6.23 25.10
CA LEU B 22 -3.77 6.65 24.19
C LEU B 22 -3.25 7.57 23.09
N THR B 23 -1.95 7.69 22.94
CA THR B 23 -1.39 8.50 21.87
C THR B 23 -1.74 7.94 20.49
N ALA B 24 -1.70 6.62 20.34
CA ALA B 24 -2.06 6.02 19.05
C ALA B 24 -3.47 6.43 18.63
N ALA B 25 -4.42 6.39 19.56
CA ALA B 25 -5.79 6.84 19.24
C ALA B 25 -5.80 8.30 18.82
N ASP B 26 -4.99 9.13 19.47
CA ASP B 26 -4.90 10.52 19.07
C ASP B 26 -4.31 10.67 17.67
N ASN B 27 -3.25 9.94 17.38
CA ASN B 27 -2.65 9.99 16.03
C ASN B 27 -3.65 9.55 14.97
N LYS B 28 -4.43 8.51 15.26
CA LYS B 28 -5.45 8.08 14.31
C LYS B 28 -6.45 9.19 14.06
N LYS B 29 -6.92 9.83 15.13
CA LYS B 29 -7.85 10.95 15.00
C LYS B 29 -7.27 12.05 14.11
N ARG B 30 -5.99 12.36 14.31
CA ARG B 30 -5.35 13.40 13.51
C ARG B 30 -5.29 13.03 12.02
N CYS B 31 -5.00 11.76 11.73
CA CYS B 31 -4.97 11.32 10.33
C CYS B 31 -6.34 11.46 9.68
N LEU B 32 -7.39 11.05 10.38
CA LEU B 32 -8.73 11.18 9.83
C LEU B 32 -9.13 12.64 9.68
N GLU B 33 -8.72 13.50 10.62
CA GLU B 33 -8.98 14.93 10.50
C GLU B 33 -8.29 15.51 9.29
N MET B 34 -7.06 15.05 9.02
N MET B 34 -7.08 15.04 8.98
CA MET B 34 -6.31 15.50 7.85
CA MET B 34 -6.36 15.59 7.83
C MET B 34 -7.06 15.18 6.56
C MET B 34 -7.03 15.18 6.52
N VAL B 35 -7.53 13.95 6.44
CA VAL B 35 -8.28 13.53 5.25
C VAL B 35 -9.54 14.37 5.10
N ASP B 36 -10.27 14.55 6.20
CA ASP B 36 -11.50 15.33 6.12
C ASP B 36 -11.20 16.76 5.71
N ALA B 37 -10.12 17.34 6.25
CA ALA B 37 -9.74 18.69 5.85
C ALA B 37 -9.42 18.75 4.37
N TRP B 38 -8.72 17.75 3.84
CA TRP B 38 -8.40 17.72 2.42
C TRP B 38 -9.70 17.78 1.61
N ASN B 39 -10.66 16.92 1.95
CA ASN B 39 -11.83 16.80 1.12
C ASN B 39 -12.68 18.04 1.17
N ARG B 40 -12.65 18.79 2.27
CA ARG B 40 -13.44 20.01 2.37
C ARG B 40 -12.67 21.23 1.88
N GLY B 41 -11.45 21.04 1.40
CA GLY B 41 -10.69 22.11 0.79
C GLY B 41 -9.97 22.99 1.77
N GLU B 42 -9.74 22.55 2.99
CA GLU B 42 -9.07 23.34 4.02
C GLU B 42 -7.63 22.86 4.14
N LEU B 43 -6.75 23.46 3.34
CA LEU B 43 -5.39 22.97 3.26
C LEU B 43 -4.69 23.01 4.63
N GLY B 44 -4.94 24.05 5.43
CA GLY B 44 -4.29 24.17 6.72
C GLY B 44 -4.66 23.06 7.69
N GLY B 45 -5.82 22.42 7.51
CA GLY B 45 -6.16 21.26 8.33
C GLY B 45 -5.39 20.02 7.96
N VAL B 46 -4.74 20.03 6.80
CA VAL B 46 -3.81 18.98 6.44
C VAL B 46 -2.41 19.33 6.92
N THR B 47 -1.92 20.51 6.54
CA THR B 47 -0.51 20.82 6.74
C THR B 47 -0.16 21.04 8.21
N ALA B 48 -1.12 21.40 9.07
CA ALA B 48 -0.81 21.76 10.45
C ALA B 48 -0.10 20.64 11.16
N HIS B 49 -0.37 19.39 10.76
CA HIS B 49 0.11 18.25 11.51
C HIS B 49 1.29 17.56 10.86
N TRP B 50 1.96 18.23 9.92
CA TRP B 50 3.17 17.69 9.31
C TRP B 50 4.39 18.49 9.77
N SER B 51 5.45 17.79 10.12
CA SER B 51 6.73 18.45 10.40
C SER B 51 7.31 19.05 9.12
N PRO B 52 7.91 20.23 9.18
CA PRO B 52 8.63 20.77 8.01
C PRO B 52 9.82 19.92 7.63
N ASP B 53 10.33 19.12 8.55
CA ASP B 53 11.44 18.23 8.29
C ASP B 53 11.01 16.77 8.17
N VAL B 54 9.76 16.54 7.80
CA VAL B 54 9.30 15.19 7.52
C VAL B 54 10.24 14.52 6.51
N VAL B 55 10.43 13.22 6.67
CA VAL B 55 11.13 12.37 5.70
C VAL B 55 10.08 11.52 4.99
N HIS B 56 10.02 11.62 3.67
CA HIS B 56 9.12 10.83 2.83
C HIS B 56 9.87 9.68 2.20
N HIS B 57 9.19 8.52 2.16
CA HIS B 57 9.72 7.34 1.49
C HIS B 57 8.70 6.83 0.48
N SER B 58 9.20 6.42 -0.69
CA SER B 58 8.34 5.84 -1.72
C SER B 58 9.23 4.92 -2.55
N GLU B 59 8.79 3.69 -2.79
CA GLU B 59 9.58 2.72 -3.59
C GLU B 59 10.97 2.49 -3.00
N GLU B 60 11.05 2.48 -1.67
CA GLU B 60 12.30 2.22 -0.96
C GLU B 60 13.38 3.25 -1.26
N ARG B 61 12.99 4.47 -1.54
CA ARG B 61 13.93 5.57 -1.49
C ARG B 61 13.32 6.72 -0.71
N ILE B 62 14.18 7.54 -0.15
CA ILE B 62 13.73 8.79 0.45
C ILE B 62 13.50 9.80 -0.67
N VAL B 63 12.34 10.42 -0.67
CA VAL B 63 11.99 11.43 -1.68
C VAL B 63 12.18 12.80 -1.05
N PRO B 64 13.09 13.64 -1.54
CA PRO B 64 13.24 14.99 -0.99
C PRO B 64 11.91 15.74 -1.00
N ASN B 65 11.71 16.56 0.03
CA ASN B 65 10.46 17.28 0.18
C ASN B 65 10.16 18.13 -1.04
N GLU B 66 11.18 18.72 -1.66
CA GLU B 66 10.96 19.56 -2.83
C GLU B 66 10.46 18.74 -4.01
N GLU B 67 10.94 17.51 -4.14
CA GLU B 67 10.47 16.61 -5.17
C GLU B 67 9.04 16.15 -4.90
N MET B 68 8.69 15.91 -3.64
CA MET B 68 7.30 15.60 -3.32
C MET B 68 6.36 16.73 -3.70
N VAL B 69 6.77 17.99 -3.45
CA VAL B 69 5.92 19.13 -3.83
C VAL B 69 5.73 19.16 -5.34
N LEU B 70 6.81 18.95 -6.11
CA LEU B 70 6.67 18.94 -7.56
C LEU B 70 5.74 17.82 -8.02
N ARG B 71 5.83 16.64 -7.40
CA ARG B 71 4.90 15.57 -7.73
C ARG B 71 3.47 15.98 -7.48
N MET B 72 3.21 16.62 -6.35
CA MET B 72 1.86 17.05 -6.05
C MET B 72 1.37 18.08 -7.05
N GLU B 73 2.24 19.04 -7.41
CA GLU B 73 1.86 20.05 -8.39
C GLU B 73 1.48 19.42 -9.72
N SER B 74 2.30 18.48 -10.21
N SER B 74 2.30 18.49 -10.20
CA SER B 74 1.98 17.83 -11.47
CA SER B 74 2.01 17.81 -11.46
C SER B 74 0.70 17.02 -11.37
C SER B 74 0.71 17.03 -11.36
N GLY B 75 0.52 16.30 -10.27
CA GLY B 75 -0.69 15.51 -10.12
C GLY B 75 -1.96 16.35 -10.05
N LEU B 76 -1.92 17.47 -9.32
CA LEU B 76 -3.09 18.32 -9.16
C LEU B 76 -3.41 19.05 -10.45
N THR B 77 -2.41 19.35 -11.28
CA THR B 77 -2.71 19.93 -12.58
C THR B 77 -3.58 19.00 -13.39
N ALA B 78 -3.27 17.71 -13.34
CA ALA B 78 -4.04 16.73 -14.10
C ALA B 78 -5.37 16.43 -13.43
N PHE B 79 -5.37 16.37 -12.09
CA PHE B 79 -6.47 15.82 -11.29
C PHE B 79 -6.83 16.84 -10.19
N PRO B 80 -7.36 17.99 -10.57
CA PRO B 80 -7.44 19.11 -9.61
C PRO B 80 -8.50 18.97 -8.55
N ASP B 81 -9.41 18.01 -8.71
CA ASP B 81 -10.51 17.79 -7.79
C ASP B 81 -10.32 16.51 -6.98
N VAL B 82 -9.08 16.05 -6.83
CA VAL B 82 -8.86 14.78 -6.17
C VAL B 82 -9.46 14.73 -4.77
N ARG B 83 -10.00 13.56 -4.44
CA ARG B 83 -10.65 13.28 -3.18
C ARG B 83 -10.10 11.97 -2.59
N LEU B 84 -10.21 11.86 -1.27
CA LEU B 84 -9.59 10.75 -0.55
C LEU B 84 -10.66 10.01 0.25
N ASP B 85 -10.82 8.71 -0.04
CA ASP B 85 -11.79 7.86 0.65
C ASP B 85 -11.03 6.86 1.52
N VAL B 86 -11.06 7.04 2.84
CA VAL B 86 -10.35 6.14 3.74
C VAL B 86 -11.09 4.81 3.85
N ARG B 87 -10.39 3.72 3.53
CA ARG B 87 -10.96 2.39 3.58
C ARG B 87 -10.57 1.65 4.84
N SER B 88 -9.42 1.98 5.42
CA SER B 88 -9.04 1.41 6.70
C SER B 88 -7.99 2.33 7.32
N VAL B 89 -7.96 2.33 8.64
CA VAL B 89 -6.92 3.04 9.38
C VAL B 89 -6.60 2.18 10.60
N LEU B 90 -5.32 1.98 10.85
CA LEU B 90 -4.85 1.22 12.01
C LEU B 90 -3.79 2.05 12.70
N ALA B 91 -3.76 2.01 14.03
CA ALA B 91 -2.75 2.76 14.76
C ALA B 91 -2.16 1.90 15.84
N GLU B 92 -0.84 1.96 16.00
CA GLU B 92 -0.13 1.22 17.04
C GLU B 92 1.11 2.03 17.41
N ASP B 93 1.29 2.24 18.72
CA ASP B 93 2.41 3.01 19.23
C ASP B 93 2.48 4.36 18.51
N ASP B 94 3.59 4.65 17.81
CA ASP B 94 3.79 5.95 17.15
C ASP B 94 3.44 5.94 15.67
N ARG B 95 2.85 4.86 15.16
CA ARG B 95 2.59 4.78 13.73
C ARG B 95 1.10 4.61 13.41
N VAL B 96 0.71 5.07 12.23
CA VAL B 96 -0.64 4.90 11.72
C VAL B 96 -0.51 4.44 10.28
N SER B 97 -1.33 3.46 9.89
CA SER B 97 -1.39 3.05 8.50
C SER B 97 -2.80 3.27 7.98
N MET B 98 -2.92 3.74 6.74
CA MET B 98 -4.20 4.01 6.12
C MET B 98 -4.20 3.40 4.72
N ARG B 99 -5.32 2.79 4.35
CA ARG B 99 -5.57 2.42 2.96
C ARG B 99 -6.59 3.41 2.43
N ILE B 100 -6.31 4.03 1.29
CA ILE B 100 -7.12 5.12 0.75
C ILE B 100 -7.45 4.85 -0.73
N SER B 101 -8.71 5.08 -1.09
N SER B 101 -8.72 5.00 -1.08
CA SER B 101 -9.16 5.06 -2.48
CA SER B 101 -9.12 5.09 -2.47
C SER B 101 -9.20 6.50 -2.98
C SER B 101 -9.09 6.54 -2.89
N VAL B 102 -8.35 6.80 -3.96
CA VAL B 102 -8.18 8.16 -4.46
C VAL B 102 -9.00 8.29 -5.72
N THR B 103 -9.83 9.33 -5.80
CA THR B 103 -10.67 9.52 -6.98
C THR B 103 -10.56 10.95 -7.45
N ALA B 104 -10.70 11.15 -8.76
CA ALA B 104 -10.56 12.48 -9.34
C ALA B 104 -11.16 12.43 -10.73
N THR B 105 -11.23 13.61 -11.34
CA THR B 105 -11.56 13.75 -12.75
C THR B 105 -10.30 14.17 -13.49
N HIS B 106 -10.07 13.56 -14.65
CA HIS B 106 -8.93 13.93 -15.48
C HIS B 106 -9.28 15.21 -16.22
N LYS B 107 -8.88 16.36 -15.64
CA LYS B 107 -9.26 17.68 -16.15
C LYS B 107 -8.12 18.45 -16.79
N GLY B 108 -6.89 18.11 -16.49
CA GLY B 108 -5.76 18.77 -17.08
C GLY B 108 -4.83 17.74 -17.70
N PRO B 109 -3.81 18.20 -18.42
CA PRO B 109 -2.89 17.25 -19.06
C PRO B 109 -2.17 16.39 -18.04
N PHE B 110 -1.99 15.12 -18.38
CA PHE B 110 -1.18 14.21 -17.58
C PHE B 110 -0.24 13.51 -18.54
N MET B 111 1.06 13.67 -18.31
CA MET B 111 2.06 13.08 -19.18
C MET B 111 1.84 13.52 -20.62
N ASP B 112 1.40 14.77 -20.79
CA ASP B 112 1.06 15.37 -22.08
C ASP B 112 -0.14 14.75 -22.77
N ILE B 113 -0.86 13.85 -22.09
CA ILE B 113 -2.13 13.35 -22.61
C ILE B 113 -3.22 14.32 -22.23
N ALA B 114 -3.99 14.74 -23.22
CA ALA B 114 -5.04 15.72 -23.00
C ALA B 114 -6.10 15.15 -22.06
N PRO B 115 -6.77 16.00 -21.29
CA PRO B 115 -7.77 15.48 -20.34
C PRO B 115 -8.90 14.76 -21.04
N THR B 116 -9.32 13.65 -20.43
CA THR B 116 -10.49 12.92 -20.90
C THR B 116 -11.76 13.41 -20.25
N ASN B 117 -11.67 14.19 -19.18
CA ASN B 117 -12.82 14.61 -18.38
C ASN B 117 -13.60 13.45 -17.80
N ARG B 118 -12.96 12.29 -17.70
CA ARG B 118 -13.55 11.12 -17.08
C ARG B 118 -12.99 10.95 -15.68
N THR B 119 -13.75 10.25 -14.86
CA THR B 119 -13.33 9.98 -13.50
C THR B 119 -12.35 8.82 -13.48
N VAL B 120 -11.37 8.92 -12.60
CA VAL B 120 -10.30 7.96 -12.46
C VAL B 120 -10.15 7.63 -10.99
N THR B 121 -9.48 6.51 -10.73
N THR B 121 -9.51 6.50 -10.74
CA THR B 121 -9.29 5.99 -9.38
CA THR B 121 -9.23 6.02 -9.39
C THR B 121 -7.90 5.38 -9.27
C THR B 121 -7.80 5.51 -9.33
N TRP B 122 -7.23 5.60 -8.14
CA TRP B 122 -6.03 4.86 -7.81
C TRP B 122 -6.06 4.55 -6.33
N HIS B 123 -5.10 3.75 -5.88
CA HIS B 123 -5.16 3.22 -4.53
C HIS B 123 -3.84 3.43 -3.84
N THR B 124 -3.90 3.87 -2.60
N THR B 124 -3.89 3.85 -2.58
CA THR B 124 -2.68 4.06 -1.84
CA THR B 124 -2.68 4.14 -1.84
C THR B 124 -2.77 3.36 -0.49
C THR B 124 -2.73 3.52 -0.44
N ALA B 125 -1.60 2.99 0.00
CA ALA B 125 -1.43 2.60 1.38
C ALA B 125 -0.37 3.52 1.95
N GLU B 126 -0.72 4.21 3.00
CA GLU B 126 0.15 5.21 3.60
C GLU B 126 0.50 4.80 5.02
N GLU B 127 1.70 5.14 5.44
CA GLU B 127 2.10 4.97 6.83
C GLU B 127 2.71 6.27 7.31
N PHE B 128 2.41 6.62 8.56
CA PHE B 128 2.85 7.86 9.16
C PHE B 128 3.46 7.54 10.51
N ARG B 129 4.59 8.17 10.82
CA ARG B 129 5.18 8.07 12.15
C ARG B 129 5.09 9.44 12.78
N PHE B 130 4.56 9.50 14.00
CA PHE B 130 4.29 10.74 14.71
C PHE B 130 5.25 10.95 15.87
N VAL B 131 5.64 12.21 16.09
CA VAL B 131 6.27 12.63 17.33
C VAL B 131 5.51 13.87 17.81
N ASP B 132 4.99 13.83 19.03
CA ASP B 132 4.29 14.98 19.61
C ASP B 132 3.21 15.54 18.68
N GLY B 133 2.46 14.64 18.05
CA GLY B 133 1.33 15.03 17.26
C GLY B 133 1.66 15.51 15.86
N LYS B 134 2.90 15.38 15.40
CA LYS B 134 3.29 15.81 14.07
C LYS B 134 3.83 14.62 13.30
N VAL B 135 3.52 14.57 11.99
CA VAL B 135 4.09 13.54 11.13
C VAL B 135 5.55 13.89 10.86
N VAL B 136 6.46 13.02 11.28
CA VAL B 136 7.88 13.21 11.05
C VAL B 136 8.44 12.24 10.01
N GLU B 137 7.69 11.19 9.67
CA GLU B 137 8.16 10.27 8.66
C GLU B 137 6.93 9.67 8.00
N HIS B 138 7.04 9.40 6.71
CA HIS B 138 5.90 8.99 5.92
C HIS B 138 6.38 8.03 4.85
N TRP B 139 5.60 6.96 4.62
CA TRP B 139 5.87 5.95 3.61
C TRP B 139 4.62 5.75 2.78
N ASP B 140 4.77 5.54 1.47
CA ASP B 140 3.61 5.20 0.66
C ASP B 140 3.89 3.97 -0.21
N VAL B 141 2.82 3.28 -0.57
CA VAL B 141 2.79 2.29 -1.65
C VAL B 141 1.58 2.68 -2.49
N ILE B 142 1.79 3.05 -3.75
CA ILE B 142 0.72 3.57 -4.57
C ILE B 142 0.57 2.73 -5.82
N ASN B 143 -0.66 2.28 -6.06
CA ASN B 143 -1.00 1.60 -7.30
C ASN B 143 -1.75 2.57 -8.20
N TYR B 144 -1.03 3.10 -9.21
CA TYR B 144 -1.57 4.02 -10.20
C TYR B 144 -2.20 3.30 -11.38
N MET B 145 -2.07 1.99 -11.47
CA MET B 145 -2.49 1.29 -12.67
C MET B 145 -3.96 1.47 -13.05
N PRO B 146 -4.92 1.49 -12.13
CA PRO B 146 -6.31 1.69 -12.56
C PRO B 146 -6.54 3.02 -13.24
N MET B 147 -5.74 4.03 -12.91
CA MET B 147 -5.82 5.30 -13.60
C MET B 147 -5.07 5.26 -14.92
N LEU B 148 -3.88 4.66 -14.91
CA LEU B 148 -3.08 4.62 -16.14
C LEU B 148 -3.80 3.88 -17.25
N ARG B 149 -4.55 2.84 -16.89
CA ARG B 149 -5.32 2.06 -17.87
C ARG B 149 -6.44 2.85 -18.51
N GLU B 150 -6.83 3.98 -17.93
CA GLU B 150 -7.90 4.82 -18.46
C GLU B 150 -7.39 6.04 -19.20
N LEU B 151 -6.08 6.17 -19.36
CA LEU B 151 -5.54 7.26 -20.17
C LEU B 151 -5.16 6.80 -21.57
#